data_8H97
#
_entry.id   8H97
#
_cell.length_a   76.599
_cell.length_b   90.672
_cell.length_c   106.090
_cell.angle_alpha   90.000
_cell.angle_beta   90.000
_cell.angle_gamma   90.000
#
_symmetry.space_group_name_H-M   'P 21 21 21'
#
loop_
_entity.id
_entity.type
_entity.pdbx_description
1 polymer Beta-agarase
2 non-polymer 'HEXAETHYLENE GLYCOL'
3 non-polymer 'CALCIUM ION'
4 water water
#
_entity_poly.entity_id   1
_entity_poly.type   'polypeptide(L)'
_entity_poly.pdbx_seq_one_letter_code
;MGSSHHHHHHSSGLVPRGSHMASMTGGQQMGRGSQAKVSVNLNVKHVVGGISEFDRTKYITIHANQIENEWDGDNFTSDL
RDHFLNGFDVYLGRDTGGITWNLNNMQEDASRPGFANPSNIISKGINTRNNYASKTHLHVYENRKSNHVVAAQLHPFWTG
ESQIATKGTGWELASPTATGEYMGRYFNEFYGGNGEPVPSWIEVINEPAYEALGGKKNFTNSLQEIADFHVEVADAIRVQ
NPNLKIGGYTAAFPDFETGDFQRWINRDKLFIDVAGEKMDFWSWHLYDFPVIGGKEDIRSGSNVEATFDMHDHYSMLKLG
HKKPYVISEYGAQTHDFRNEGWSSYRDWLFVRAQNSLMMSFMERPEDIAMAIPFTIVKAEWGFNTDKNLPYPARLMRKAN
EPESYTGEWVYTDRVKFYDLWKNVKGTRIDTKSTDLDIQVDAYVDGNKGYLILNNLESEETEITLDVFEKYDSSITNILK
RHLTLSSNNVVIEEETFSSSISTVQLGAGSTMILEYTFANSLTIDETSTEEKYYADSYLQPIVASQPILFAVNNVVKSAT
YGEAVLRLGLGRDHGKSLKPIVKVNNTEVVVPDDWRGYDQADKGRFFGTIEIPVSYDLLTTNNTVSVEFPDSSGHVSSVI
MQVFNFSSDIRTLSVNDVTASDTKTLLISPNPVKDGMLNMTIPAKLKNPIASIYNVSGSLLIKQSMKHSQTSIPVNLFDK
GVYLLVLQDGSKKIGESKFVIQ
;
_entity_poly.pdbx_strand_id   A
#
# COMPACT_ATOMS: atom_id res chain seq x y z
N SER A 34 18.73 -9.64 -17.65
CA SER A 34 18.49 -8.21 -17.38
C SER A 34 19.70 -7.57 -16.70
N GLN A 35 19.95 -6.31 -17.00
CA GLN A 35 21.04 -5.60 -16.32
C GLN A 35 20.54 -4.21 -15.96
N ALA A 36 20.97 -3.71 -14.82
CA ALA A 36 20.56 -2.38 -14.39
C ALA A 36 21.71 -1.78 -13.59
N LYS A 37 21.82 -0.47 -13.67
CA LYS A 37 22.78 0.24 -12.83
C LYS A 37 21.98 1.00 -11.80
N VAL A 38 22.28 0.76 -10.54
CA VAL A 38 21.62 1.44 -9.44
C VAL A 38 22.59 2.46 -8.88
N SER A 39 22.20 3.73 -8.92
CA SER A 39 22.99 4.77 -8.30
C SER A 39 22.48 5.04 -6.90
N VAL A 40 23.41 5.21 -5.97
CA VAL A 40 23.09 5.40 -4.57
C VAL A 40 23.94 6.55 -4.04
N ASN A 41 23.30 7.65 -3.70
CA ASN A 41 24.02 8.83 -3.26
C ASN A 41 23.78 8.99 -1.77
N LEU A 42 24.71 8.45 -0.99
CA LEU A 42 24.51 8.31 0.43
C LEU A 42 24.38 9.65 1.15
N ASN A 43 24.86 10.73 0.56
CA ASN A 43 24.80 12.03 1.21
C ASN A 43 23.58 12.84 0.82
N VAL A 44 22.76 12.34 -0.10
CA VAL A 44 21.62 13.11 -0.60
C VAL A 44 20.37 12.59 0.06
N LYS A 45 19.84 13.35 1.01
CA LYS A 45 18.55 13.02 1.59
C LYS A 45 17.45 13.23 0.56
N HIS A 46 16.60 12.24 0.39
CA HIS A 46 15.47 12.33 -0.53
C HIS A 46 14.24 12.73 0.28
N VAL A 47 13.77 13.96 0.08
CA VAL A 47 12.64 14.51 0.80
C VAL A 47 11.45 14.57 -0.15
N VAL A 48 10.27 14.23 0.36
CA VAL A 48 9.06 14.48 -0.39
C VAL A 48 7.93 14.68 0.61
N GLY A 49 7.12 15.72 0.40
CA GLY A 49 6.14 16.04 1.42
C GLY A 49 6.76 16.22 2.78
N GLY A 50 7.99 16.73 2.83
CA GLY A 50 8.71 16.95 4.07
C GLY A 50 9.20 15.70 4.76
N ILE A 51 8.95 14.52 4.21
CA ILE A 51 9.33 13.28 4.85
C ILE A 51 10.58 12.71 4.19
N SER A 52 11.52 12.26 5.02
CA SER A 52 12.77 11.69 4.54
C SER A 52 13.34 10.69 5.53
N GLU A 53 12.48 10.09 6.35
CA GLU A 53 12.84 9.01 7.26
C GLU A 53 11.94 7.83 6.96
N PHE A 54 12.52 6.63 6.97
CA PHE A 54 11.71 5.45 6.87
C PHE A 54 10.78 5.38 8.07
N ASP A 55 9.52 5.15 7.81
CA ASP A 55 8.55 5.07 8.89
C ASP A 55 8.10 3.62 9.00
N ARG A 56 8.75 2.85 9.87
CA ARG A 56 8.36 1.46 10.04
C ARG A 56 6.94 1.33 10.57
N THR A 57 6.47 2.31 11.35
CA THR A 57 5.11 2.25 11.90
C THR A 57 4.07 2.31 10.81
N LYS A 58 4.44 2.83 9.65
CA LYS A 58 3.54 2.93 8.51
C LYS A 58 3.80 1.84 7.47
N TYR A 59 5.02 1.34 7.39
CA TYR A 59 5.40 0.45 6.29
C TYR A 59 5.64 -0.99 6.70
N ILE A 60 6.35 -1.24 7.81
CA ILE A 60 6.64 -2.60 8.25
C ILE A 60 5.56 -2.96 9.25
N THR A 61 4.49 -3.54 8.73
CA THR A 61 3.27 -3.71 9.50
C THR A 61 2.71 -5.07 9.18
N ILE A 62 1.69 -5.43 9.96
CA ILE A 62 0.98 -6.68 9.78
C ILE A 62 -0.48 -6.44 10.14
N HIS A 63 -1.36 -7.20 9.52
CA HIS A 63 -2.79 -6.99 9.65
C HIS A 63 -3.23 -7.72 10.90
N ALA A 64 -2.89 -7.12 12.04
CA ALA A 64 -3.13 -7.73 13.33
C ALA A 64 -3.33 -6.64 14.35
N ASN A 65 -3.82 -7.05 15.51
CA ASN A 65 -3.85 -6.25 16.71
C ASN A 65 -3.22 -7.11 17.80
N GLN A 66 -2.35 -6.53 18.62
CA GLN A 66 -1.68 -7.39 19.58
C GLN A 66 -2.66 -7.94 20.61
N ILE A 67 -3.85 -7.36 20.74
CA ILE A 67 -4.86 -7.93 21.65
C ILE A 67 -5.35 -9.29 21.16
N GLU A 68 -5.24 -9.56 19.86
CA GLU A 68 -5.83 -10.78 19.30
C GLU A 68 -5.28 -12.02 19.99
N ASN A 69 -6.17 -12.93 20.36
CA ASN A 69 -5.77 -14.19 20.97
C ASN A 69 -4.83 -14.98 20.08
N GLU A 70 -4.82 -14.71 18.78
CA GLU A 70 -4.01 -15.51 17.88
C GLU A 70 -2.54 -15.37 18.16
N TRP A 71 -2.11 -14.26 18.76
CA TRP A 71 -0.71 -14.13 19.16
C TRP A 71 -0.35 -15.12 20.27
N ASP A 72 -1.33 -15.57 21.03
CA ASP A 72 -1.07 -16.54 22.09
C ASP A 72 -1.28 -17.93 21.51
N GLY A 73 -1.46 -18.91 22.38
CA GLY A 73 -1.65 -20.26 21.95
C GLY A 73 -0.37 -21.05 21.93
N ASP A 74 -0.43 -22.17 21.20
CA ASP A 74 0.65 -23.16 21.16
C ASP A 74 1.60 -22.76 20.05
N ASN A 75 2.41 -21.76 20.36
CA ASN A 75 3.35 -21.22 19.38
C ASN A 75 4.73 -21.82 19.57
N PHE A 76 5.51 -21.78 18.49
CA PHE A 76 6.86 -22.31 18.51
C PHE A 76 7.72 -21.59 19.54
N THR A 77 7.40 -20.33 19.84
CA THR A 77 8.07 -19.52 20.85
C THR A 77 7.06 -19.19 21.95
N SER A 78 7.59 -18.88 23.14
CA SER A 78 6.71 -18.58 24.25
C SER A 78 6.05 -17.20 24.12
N ASP A 79 6.67 -16.29 23.39
CA ASP A 79 6.16 -14.92 23.24
C ASP A 79 6.27 -14.60 21.76
N LEU A 80 5.22 -14.95 21.02
CA LEU A 80 5.17 -14.65 19.60
C LEU A 80 5.14 -13.15 19.35
N ARG A 81 4.33 -12.43 20.14
CA ARG A 81 4.32 -10.98 20.02
C ARG A 81 5.74 -10.45 20.07
N ASP A 82 6.47 -10.81 21.13
CA ASP A 82 7.84 -10.36 21.22
C ASP A 82 8.66 -10.87 20.05
N HIS A 83 8.63 -12.18 19.82
CA HIS A 83 9.48 -12.75 18.79
C HIS A 83 9.21 -12.09 17.44
N PHE A 84 7.97 -11.77 17.16
CA PHE A 84 7.67 -11.21 15.86
C PHE A 84 7.67 -9.68 15.85
N LEU A 85 6.87 -9.06 16.71
CA LEU A 85 6.74 -7.60 16.64
C LEU A 85 8.03 -6.93 17.07
N ASN A 86 8.63 -7.39 18.16
CA ASN A 86 9.91 -6.83 18.58
C ASN A 86 11.05 -7.41 17.75
N GLY A 87 11.05 -8.72 17.56
CA GLY A 87 12.14 -9.37 16.84
C GLY A 87 12.34 -8.80 15.44
N PHE A 88 11.26 -8.51 14.74
CA PHE A 88 11.40 -7.91 13.42
C PHE A 88 10.93 -6.47 13.39
N ASP A 89 10.71 -5.86 14.55
CA ASP A 89 10.37 -4.45 14.64
C ASP A 89 9.22 -4.13 13.72
N VAL A 90 8.12 -4.86 13.93
CA VAL A 90 6.94 -4.79 13.09
C VAL A 90 5.91 -3.92 13.79
N TYR A 91 5.05 -3.29 13.01
CA TYR A 91 4.10 -2.37 13.58
C TYR A 91 2.69 -2.78 13.24
N LEU A 92 1.75 -2.10 13.86
CA LEU A 92 0.34 -2.45 13.81
C LEU A 92 -0.44 -1.21 13.46
N GLY A 93 -1.59 -1.41 12.83
CA GLY A 93 -2.07 -2.73 12.48
C GLY A 93 -3.50 -2.52 12.09
N ARG A 94 -4.25 -3.61 11.96
CA ARG A 94 -5.65 -3.51 11.59
C ARG A 94 -6.43 -4.67 12.16
N ASP A 95 -7.69 -4.41 12.47
CA ASP A 95 -8.62 -5.43 12.89
C ASP A 95 -10.03 -4.93 12.60
N THR A 96 -10.93 -5.88 12.41
CA THR A 96 -12.32 -5.55 12.13
C THR A 96 -13.29 -6.32 12.98
N GLY A 97 -12.83 -7.36 13.69
CA GLY A 97 -13.76 -8.26 14.35
C GLY A 97 -14.41 -7.61 15.56
N GLY A 98 -13.63 -6.88 16.34
CA GLY A 98 -14.13 -6.22 17.51
C GLY A 98 -15.37 -5.42 17.18
N ILE A 99 -15.24 -4.45 16.28
CA ILE A 99 -16.37 -3.58 16.02
C ILE A 99 -17.50 -4.36 15.37
N THR A 100 -17.17 -5.42 14.62
CA THR A 100 -18.19 -6.16 13.89
C THR A 100 -18.95 -7.09 14.83
N TRP A 101 -18.22 -7.86 15.63
CA TRP A 101 -18.84 -8.71 16.62
C TRP A 101 -19.76 -7.89 17.52
N ASN A 102 -19.28 -6.75 17.97
CA ASN A 102 -20.07 -5.99 18.92
C ASN A 102 -21.34 -5.47 18.28
N LEU A 103 -21.27 -4.96 17.06
CA LEU A 103 -22.50 -4.59 16.37
C LEU A 103 -23.40 -5.80 16.20
N ASN A 104 -22.83 -6.92 15.72
CA ASN A 104 -23.60 -8.15 15.56
C ASN A 104 -24.27 -8.58 16.85
N ASN A 105 -23.73 -8.21 18.01
CA ASN A 105 -24.30 -8.62 19.29
C ASN A 105 -24.72 -7.44 20.15
N MET A 106 -24.92 -6.26 19.56
CA MET A 106 -25.32 -5.10 20.32
C MET A 106 -26.84 -5.05 20.42
N GLN A 107 -27.33 -4.71 21.60
CA GLN A 107 -28.76 -4.52 21.80
C GLN A 107 -29.25 -3.33 21.00
N GLU A 108 -30.49 -3.41 20.54
CA GLU A 108 -31.08 -2.35 19.74
C GLU A 108 -31.59 -1.22 20.62
N ASP A 109 -31.45 0.02 20.14
CA ASP A 109 -32.02 1.16 20.85
C ASP A 109 -33.53 1.02 20.87
N ALA A 110 -34.12 0.77 22.06
CA ALA A 110 -35.57 0.57 22.11
C ALA A 110 -36.31 1.79 21.58
N SER A 111 -35.78 2.98 21.83
CA SER A 111 -36.43 4.22 21.43
C SER A 111 -36.17 4.58 19.98
N ARG A 112 -35.29 3.86 19.29
CA ARG A 112 -34.88 4.23 17.94
C ARG A 112 -34.55 2.95 17.20
N PRO A 113 -35.54 2.31 16.59
CA PRO A 113 -35.29 1.03 15.95
C PRO A 113 -34.23 1.15 14.87
N GLY A 114 -33.36 0.15 14.80
CA GLY A 114 -32.27 0.15 13.86
C GLY A 114 -31.05 0.89 14.33
N PHE A 115 -31.04 1.35 15.58
CA PHE A 115 -29.86 1.97 16.19
C PHE A 115 -29.36 1.10 17.32
N ALA A 116 -28.04 1.02 17.45
CA ALA A 116 -27.46 0.35 18.59
C ALA A 116 -27.83 1.11 19.85
N ASN A 117 -28.16 0.37 20.89
CA ASN A 117 -28.53 1.01 22.14
C ASN A 117 -27.31 1.70 22.74
N PRO A 118 -27.32 3.03 22.88
CA PRO A 118 -26.12 3.71 23.40
C PRO A 118 -25.66 3.18 24.75
N SER A 119 -26.57 2.91 25.69
CA SER A 119 -26.14 2.47 27.02
C SER A 119 -25.49 1.10 26.95
N ASN A 120 -25.84 0.28 25.97
CA ASN A 120 -25.17 -1.01 25.85
C ASN A 120 -23.82 -0.88 25.17
N ILE A 121 -23.68 0.07 24.25
CA ILE A 121 -22.36 0.40 23.73
C ILE A 121 -21.46 0.83 24.87
N ILE A 122 -21.99 1.69 25.73
CA ILE A 122 -21.26 2.16 26.91
C ILE A 122 -20.92 0.99 27.82
N SER A 123 -21.90 0.20 28.19
CA SER A 123 -21.68 -0.89 29.12
C SER A 123 -20.73 -1.94 28.59
N LYS A 124 -20.92 -2.29 27.34
CA LYS A 124 -19.98 -3.27 26.80
C LYS A 124 -18.60 -2.66 26.62
N GLY A 125 -18.52 -1.37 26.30
CA GLY A 125 -17.22 -0.74 26.18
C GLY A 125 -16.42 -0.83 27.46
N ILE A 126 -17.08 -0.57 28.59
CA ILE A 126 -16.43 -0.67 29.92
C ILE A 126 -15.76 -2.04 30.05
N ASN A 127 -16.50 -3.10 29.77
CA ASN A 127 -15.96 -4.47 29.94
C ASN A 127 -14.74 -4.65 29.03
N THR A 128 -14.82 -4.14 27.81
CA THR A 128 -13.70 -4.25 26.84
C THR A 128 -12.50 -3.46 27.36
N ARG A 129 -12.69 -2.20 27.69
CA ARG A 129 -11.62 -1.39 28.24
C ARG A 129 -11.02 -2.02 29.49
N ASN A 130 -11.87 -2.52 30.39
CA ASN A 130 -11.36 -3.15 31.59
C ASN A 130 -10.59 -4.42 31.26
N ASN A 131 -11.13 -5.23 30.35
CA ASN A 131 -10.39 -6.42 29.94
C ASN A 131 -9.03 -6.03 29.38
N TYR A 132 -8.98 -4.97 28.56
CA TYR A 132 -7.72 -4.51 28.00
C TYR A 132 -6.77 -4.07 29.11
N ALA A 133 -7.28 -3.25 30.03
CA ALA A 133 -6.49 -2.77 31.14
C ALA A 133 -5.85 -3.92 31.91
N SER A 134 -6.53 -5.07 31.98
CA SER A 134 -6.01 -6.22 32.72
C SER A 134 -4.95 -7.00 31.95
N LYS A 135 -4.90 -6.87 30.62
CA LYS A 135 -3.90 -7.59 29.82
C LYS A 135 -2.60 -6.79 29.83
N THR A 136 -2.08 -6.60 31.05
CA THR A 136 -0.92 -5.73 31.27
C THR A 136 0.21 -6.04 30.31
N HIS A 137 0.41 -7.31 29.98
CA HIS A 137 1.52 -7.68 29.12
C HIS A 137 1.29 -7.26 27.67
N LEU A 138 0.10 -6.80 27.31
CA LEU A 138 -0.14 -6.29 25.97
C LEU A 138 0.13 -4.81 25.87
N HIS A 139 0.18 -4.10 27.01
CA HIS A 139 0.21 -2.65 26.98
C HIS A 139 1.48 -2.11 26.37
N VAL A 140 2.58 -2.88 26.45
CA VAL A 140 3.82 -2.36 25.90
C VAL A 140 3.68 -2.17 24.40
N TYR A 141 2.85 -2.99 23.76
CA TYR A 141 2.77 -2.97 22.31
C TYR A 141 1.93 -1.82 21.79
N GLU A 142 1.38 -0.99 22.68
CA GLU A 142 0.75 0.23 22.22
C GLU A 142 1.72 1.09 21.41
N ASN A 143 3.01 1.04 21.72
CA ASN A 143 3.97 1.84 20.98
C ASN A 143 4.23 1.28 19.58
N ARG A 144 3.57 0.20 19.21
CA ARG A 144 3.61 -0.31 17.85
C ARG A 144 2.27 -0.15 17.15
N LYS A 145 1.29 0.48 17.80
CA LYS A 145 -0.05 0.63 17.26
C LYS A 145 -0.32 2.05 16.79
N SER A 146 0.73 2.78 16.43
CA SER A 146 0.52 4.19 16.09
C SER A 146 -0.42 4.33 14.91
N ASN A 147 -0.39 3.38 13.99
CA ASN A 147 -1.29 3.51 12.85
C ASN A 147 -2.34 2.43 12.91
N HIS A 148 -2.92 2.26 14.08
CA HIS A 148 -4.02 1.34 14.23
C HIS A 148 -5.13 1.72 13.26
N VAL A 149 -5.46 0.81 12.37
CA VAL A 149 -6.57 0.93 11.46
C VAL A 149 -7.70 0.03 11.96
N VAL A 150 -8.91 0.55 12.01
CA VAL A 150 -10.06 -0.31 12.25
C VAL A 150 -11.07 -0.07 11.15
N ALA A 151 -11.58 -1.14 10.59
CA ALA A 151 -12.60 -1.08 9.55
C ALA A 151 -13.79 -1.87 10.05
N ALA A 152 -14.97 -1.34 9.80
CA ALA A 152 -16.15 -2.17 9.96
C ALA A 152 -16.15 -3.20 8.84
N GLN A 153 -16.57 -4.42 9.16
CA GLN A 153 -16.82 -5.34 8.07
C GLN A 153 -18.09 -4.94 7.35
N LEU A 154 -18.34 -5.57 6.20
CA LEU A 154 -19.49 -5.19 5.41
C LEU A 154 -20.77 -5.27 6.24
N HIS A 155 -20.98 -6.39 6.90
CA HIS A 155 -22.22 -6.57 7.63
C HIS A 155 -21.97 -6.62 9.13
N PRO A 156 -22.93 -6.17 9.95
CA PRO A 156 -24.26 -5.70 9.56
C PRO A 156 -24.29 -4.18 9.42
N PHE A 157 -23.10 -3.60 9.22
CA PHE A 157 -22.97 -2.15 9.06
C PHE A 157 -23.64 -1.66 7.77
N TRP A 158 -23.48 -2.42 6.70
CA TRP A 158 -23.99 -1.99 5.40
C TRP A 158 -25.52 -1.94 5.42
N THR A 159 -26.06 -0.83 4.93
CA THR A 159 -27.50 -0.61 4.93
C THR A 159 -28.11 -0.77 3.56
N GLY A 160 -27.40 -1.36 2.63
CA GLY A 160 -27.85 -1.48 1.26
C GLY A 160 -28.66 -2.72 1.05
N GLU A 161 -28.84 -3.08 -0.22
CA GLU A 161 -29.69 -4.21 -0.58
C GLU A 161 -29.23 -5.48 0.12
N SER A 162 -27.92 -5.67 0.27
CA SER A 162 -27.39 -6.89 0.87
C SER A 162 -27.40 -6.86 2.39
N GLN A 163 -27.99 -5.83 2.98
CA GLN A 163 -27.95 -5.67 4.43
C GLN A 163 -28.52 -6.88 5.14
N ILE A 164 -27.86 -7.29 6.22
CA ILE A 164 -28.38 -8.35 7.07
C ILE A 164 -28.58 -7.78 8.47
N ALA A 165 -29.45 -8.44 9.22
CA ALA A 165 -29.61 -8.10 10.62
C ALA A 165 -28.34 -8.47 11.37
N THR A 166 -28.13 -7.77 12.49
CA THR A 166 -27.06 -8.13 13.40
C THR A 166 -27.14 -9.62 13.69
N LYS A 167 -25.99 -10.30 13.58
CA LYS A 167 -25.98 -11.76 13.64
C LYS A 167 -26.53 -12.26 14.95
N GLY A 168 -26.23 -11.56 16.05
CA GLY A 168 -26.63 -12.02 17.37
C GLY A 168 -27.97 -11.52 17.84
N THR A 169 -28.22 -10.22 17.69
CA THR A 169 -29.41 -9.60 18.24
C THR A 169 -30.54 -9.42 17.22
N GLY A 170 -30.26 -9.68 15.95
CA GLY A 170 -31.31 -9.87 14.96
C GLY A 170 -32.06 -8.64 14.50
N TRP A 171 -31.43 -7.48 14.52
CA TRP A 171 -32.07 -6.27 14.01
C TRP A 171 -31.15 -5.62 12.99
N GLU A 172 -31.75 -4.83 12.11
CA GLU A 172 -31.05 -4.20 11.01
C GLU A 172 -30.76 -2.74 11.34
N LEU A 173 -29.53 -2.33 11.06
CA LEU A 173 -29.16 -0.94 11.22
C LEU A 173 -30.14 -0.08 10.42
N ALA A 174 -30.68 0.94 11.08
CA ALA A 174 -31.73 1.74 10.46
C ALA A 174 -31.22 2.44 9.22
N SER A 175 -29.99 2.93 9.26
CA SER A 175 -29.51 3.84 8.23
C SER A 175 -27.99 3.89 8.32
N PRO A 176 -27.33 4.45 7.32
CA PRO A 176 -25.89 4.73 7.49
C PRO A 176 -25.64 5.60 8.71
N THR A 177 -26.57 6.48 9.04
CA THR A 177 -26.42 7.30 10.23
C THR A 177 -26.38 6.45 11.49
N ALA A 178 -27.30 5.49 11.60
CA ALA A 178 -27.26 4.54 12.72
C ALA A 178 -25.95 3.77 12.72
N THR A 179 -25.45 3.40 11.54
CA THR A 179 -24.18 2.70 11.50
C THR A 179 -23.07 3.61 11.99
N GLY A 180 -23.00 4.82 11.45
CA GLY A 180 -21.99 5.75 11.89
C GLY A 180 -22.14 6.12 13.35
N GLU A 181 -23.37 6.21 13.83
CA GLU A 181 -23.52 6.53 15.24
C GLU A 181 -22.98 5.40 16.10
N TYR A 182 -23.32 4.17 15.75
CA TYR A 182 -22.77 3.04 16.47
C TYR A 182 -21.25 3.09 16.43
N MET A 183 -20.68 3.20 15.23
CA MET A 183 -19.24 3.26 15.11
C MET A 183 -18.68 4.41 15.94
N GLY A 184 -19.31 5.59 15.84
CA GLY A 184 -18.86 6.71 16.65
C GLY A 184 -18.89 6.39 18.13
N ARG A 185 -20.03 5.91 18.61
CA ARG A 185 -20.11 5.47 20.00
C ARG A 185 -19.12 4.35 20.27
N TYR A 186 -19.01 3.40 19.35
CA TYR A 186 -18.12 2.26 19.56
C TYR A 186 -16.71 2.73 19.88
N PHE A 187 -16.16 3.60 19.02
CA PHE A 187 -14.79 4.08 19.20
C PHE A 187 -14.67 4.95 20.44
N ASN A 188 -15.76 5.57 20.87
CA ASN A 188 -15.71 6.31 22.12
C ASN A 188 -15.69 5.38 23.32
N GLU A 189 -16.38 4.23 23.22
CA GLU A 189 -16.57 3.41 24.42
C GLU A 189 -15.66 2.20 24.49
N PHE A 190 -15.18 1.72 23.35
CA PHE A 190 -14.35 0.53 23.36
C PHE A 190 -12.88 0.86 23.33
N TYR A 191 -12.56 2.15 23.44
CA TYR A 191 -11.19 2.61 23.43
C TYR A 191 -11.08 3.83 24.32
N GLY A 192 -9.83 4.25 24.58
CA GLY A 192 -9.60 5.37 25.47
C GLY A 192 -9.78 4.99 26.92
N GLY A 193 -9.65 5.99 27.78
CA GLY A 193 -9.68 5.72 29.20
C GLY A 193 -8.64 4.68 29.57
N ASN A 194 -9.02 3.71 30.39
CA ASN A 194 -8.06 2.68 30.78
C ASN A 194 -7.91 1.59 29.74
N GLY A 195 -8.66 1.67 28.66
CA GLY A 195 -8.70 0.61 27.68
C GLY A 195 -7.71 0.83 26.56
N GLU A 196 -7.99 0.19 25.44
CA GLU A 196 -7.09 0.26 24.30
C GLU A 196 -7.13 1.66 23.70
N PRO A 197 -5.99 2.25 23.36
CA PRO A 197 -6.01 3.57 22.73
C PRO A 197 -6.84 3.56 21.44
N VAL A 198 -7.57 4.65 21.23
CA VAL A 198 -8.47 4.71 20.08
C VAL A 198 -7.68 4.48 18.81
N PRO A 199 -8.22 3.79 17.80
CA PRO A 199 -7.43 3.57 16.59
C PRO A 199 -7.23 4.89 15.86
N SER A 200 -6.22 4.89 15.00
CA SER A 200 -5.82 6.12 14.35
C SER A 200 -6.51 6.31 13.01
N TRP A 201 -6.89 5.24 12.34
CA TRP A 201 -7.50 5.33 11.03
C TRP A 201 -8.76 4.49 11.01
N ILE A 202 -9.89 5.15 10.80
CA ILE A 202 -11.16 4.44 10.81
C ILE A 202 -11.62 4.34 9.37
N GLU A 203 -11.57 3.12 8.84
CA GLU A 203 -12.20 2.83 7.56
C GLU A 203 -13.69 2.59 7.80
N VAL A 204 -14.51 3.33 7.03
CA VAL A 204 -15.95 3.30 7.23
C VAL A 204 -16.47 1.87 7.12
N ILE A 205 -16.05 1.16 6.08
CA ILE A 205 -16.60 -0.14 5.81
C ILE A 205 -15.67 -0.87 4.86
N ASN A 206 -15.44 -2.15 5.15
CA ASN A 206 -14.45 -2.91 4.41
C ASN A 206 -15.04 -3.39 3.10
N GLU A 207 -14.42 -2.98 1.99
CA GLU A 207 -14.70 -3.54 0.67
C GLU A 207 -16.20 -3.57 0.40
N PRO A 208 -16.86 -2.40 0.47
CA PRO A 208 -18.33 -2.37 0.35
C PRO A 208 -18.84 -2.77 -1.03
N ALA A 209 -18.06 -2.54 -2.09
CA ALA A 209 -18.56 -2.69 -3.45
C ALA A 209 -18.27 -4.06 -4.05
N TYR A 210 -17.33 -4.79 -3.46
CA TYR A 210 -16.81 -5.99 -4.11
C TYR A 210 -17.92 -6.90 -4.56
N GLU A 211 -18.75 -7.34 -3.62
CA GLU A 211 -19.89 -8.19 -3.97
C GLU A 211 -21.02 -7.38 -4.60
N ALA A 212 -21.51 -6.36 -3.88
CA ALA A 212 -22.74 -5.68 -4.30
C ALA A 212 -22.62 -5.09 -5.70
N LEU A 213 -21.44 -4.65 -6.12
CA LEU A 213 -21.32 -3.98 -7.40
C LEU A 213 -20.80 -4.92 -8.49
N GLY A 214 -20.74 -6.21 -8.23
CA GLY A 214 -20.53 -7.17 -9.29
C GLY A 214 -19.11 -7.61 -9.50
N GLY A 215 -18.21 -7.27 -8.61
CA GLY A 215 -16.88 -7.84 -8.66
C GLY A 215 -15.90 -6.99 -9.41
N LYS A 216 -14.70 -7.56 -9.52
CA LYS A 216 -13.53 -6.79 -9.95
C LYS A 216 -13.62 -6.39 -11.41
N LYS A 217 -14.33 -7.14 -12.23
CA LYS A 217 -14.43 -6.76 -13.63
C LYS A 217 -15.65 -5.91 -13.92
N ASN A 218 -16.48 -5.61 -12.95
CA ASN A 218 -17.65 -4.79 -13.25
C ASN A 218 -17.26 -3.34 -13.37
N PHE A 219 -17.85 -2.67 -14.34
CA PHE A 219 -17.58 -1.25 -14.49
C PHE A 219 -18.83 -0.42 -14.68
N THR A 220 -20.02 -1.02 -14.61
CA THR A 220 -21.26 -0.29 -14.91
C THR A 220 -21.99 0.16 -13.67
N ASN A 221 -21.82 -0.58 -12.57
CA ASN A 221 -22.53 -0.28 -11.35
C ASN A 221 -21.99 0.97 -10.69
N SER A 222 -22.88 1.75 -10.10
CA SER A 222 -22.50 3.01 -9.48
C SER A 222 -22.16 2.83 -8.01
N LEU A 223 -21.07 3.47 -7.60
CA LEU A 223 -20.68 3.55 -6.19
C LEU A 223 -21.45 4.63 -5.44
N GLN A 224 -22.48 5.21 -6.07
CA GLN A 224 -23.19 6.34 -5.47
C GLN A 224 -23.70 5.99 -4.07
N GLU A 225 -24.39 4.85 -3.94
CA GLU A 225 -24.96 4.49 -2.65
C GLU A 225 -23.84 4.29 -1.62
N ILE A 226 -22.77 3.61 -2.01
CA ILE A 226 -21.66 3.39 -1.10
C ILE A 226 -21.02 4.71 -0.71
N ALA A 227 -20.94 5.63 -1.66
CA ALA A 227 -20.38 6.94 -1.37
C ALA A 227 -21.24 7.70 -0.40
N ASP A 228 -22.56 7.75 -0.67
CA ASP A 228 -23.47 8.36 0.27
C ASP A 228 -23.38 7.67 1.63
N PHE A 229 -23.27 6.34 1.61
CA PHE A 229 -23.06 5.59 2.84
C PHE A 229 -21.89 6.18 3.62
N HIS A 230 -20.76 6.39 2.95
CA HIS A 230 -19.57 6.90 3.64
C HIS A 230 -19.81 8.29 4.17
N VAL A 231 -20.41 9.15 3.36
CA VAL A 231 -20.68 10.50 3.84
C VAL A 231 -21.56 10.45 5.08
N GLU A 232 -22.64 9.71 5.01
CA GLU A 232 -23.59 9.63 6.14
C GLU A 232 -22.92 9.00 7.36
N VAL A 233 -22.18 7.92 7.16
CA VAL A 233 -21.54 7.29 8.31
C VAL A 233 -20.52 8.24 8.93
N ALA A 234 -19.68 8.83 8.09
CA ALA A 234 -18.69 9.77 8.58
C ALA A 234 -19.36 10.91 9.35
N ASP A 235 -20.47 11.45 8.82
CA ASP A 235 -21.19 12.48 9.54
C ASP A 235 -21.58 11.98 10.93
N ALA A 236 -22.09 10.74 11.00
CA ALA A 236 -22.58 10.22 12.27
C ALA A 236 -21.42 9.87 13.20
N ILE A 237 -20.32 9.34 12.66
CA ILE A 237 -19.16 9.10 13.52
C ILE A 237 -18.67 10.41 14.12
N ARG A 238 -18.47 11.40 13.27
CA ARG A 238 -18.00 12.69 13.75
C ARG A 238 -18.93 13.26 14.80
N VAL A 239 -20.24 13.00 14.69
CA VAL A 239 -21.18 13.46 15.73
C VAL A 239 -20.75 12.92 17.08
N GLN A 240 -20.46 11.62 17.15
CA GLN A 240 -20.03 11.00 18.40
C GLN A 240 -18.59 11.32 18.74
N ASN A 241 -17.73 11.33 17.73
CA ASN A 241 -16.30 11.57 17.94
C ASN A 241 -15.78 12.31 16.73
N PRO A 242 -15.51 13.60 16.87
CA PRO A 242 -15.08 14.39 15.71
C PRO A 242 -13.58 14.30 15.45
N ASN A 243 -12.82 13.66 16.31
CA ASN A 243 -11.36 13.59 16.20
C ASN A 243 -10.88 12.26 15.64
N LEU A 244 -11.74 11.54 14.94
CA LEU A 244 -11.34 10.29 14.30
C LEU A 244 -11.09 10.55 12.84
N LYS A 245 -9.91 10.18 12.36
CA LYS A 245 -9.68 10.22 10.92
C LYS A 245 -10.51 9.12 10.27
N ILE A 246 -11.37 9.48 9.32
CA ILE A 246 -12.34 8.57 8.73
C ILE A 246 -12.07 8.47 7.24
N GLY A 247 -12.11 7.24 6.72
CA GLY A 247 -11.67 7.00 5.36
C GLY A 247 -12.60 6.04 4.65
N GLY A 248 -12.44 6.02 3.33
CA GLY A 248 -13.17 5.14 2.45
C GLY A 248 -12.48 5.12 1.11
N TYR A 249 -13.04 4.34 0.20
CA TYR A 249 -14.12 3.48 0.60
C TYR A 249 -13.60 2.06 0.82
N THR A 250 -12.29 1.94 1.05
CA THR A 250 -11.68 0.65 1.32
C THR A 250 -11.97 -0.31 0.19
N ALA A 251 -11.73 0.19 -1.02
CA ALA A 251 -12.00 -0.55 -2.24
C ALA A 251 -11.28 -1.89 -2.23
N ALA A 252 -12.02 -2.94 -2.54
CA ALA A 252 -11.36 -4.24 -2.64
C ALA A 252 -10.39 -4.24 -3.79
N PHE A 253 -10.79 -3.62 -4.90
CA PHE A 253 -9.99 -3.65 -6.13
C PHE A 253 -10.17 -2.33 -6.86
N PRO A 254 -9.36 -1.34 -6.53
CA PRO A 254 -9.39 -0.09 -7.29
C PRO A 254 -8.87 -0.35 -8.69
N ASP A 255 -9.77 -0.59 -9.64
CA ASP A 255 -9.40 -0.85 -11.03
C ASP A 255 -10.05 0.26 -11.83
N PHE A 256 -9.28 1.30 -12.14
CA PHE A 256 -9.88 2.47 -12.76
C PHE A 256 -10.10 2.27 -14.24
N GLU A 257 -9.24 1.51 -14.90
CA GLU A 257 -9.26 1.43 -16.34
C GLU A 257 -10.39 0.59 -16.88
N THR A 258 -11.06 -0.18 -16.04
CA THR A 258 -11.98 -1.18 -16.54
C THR A 258 -13.15 -0.56 -17.28
N GLY A 259 -13.54 -1.18 -18.39
CA GLY A 259 -14.57 -0.64 -19.24
C GLY A 259 -14.33 0.79 -19.66
N ASP A 260 -13.22 1.07 -20.34
CA ASP A 260 -12.96 2.40 -20.85
C ASP A 260 -13.00 3.43 -19.72
N PHE A 261 -12.51 3.04 -18.55
CA PHE A 261 -12.50 3.84 -17.32
C PHE A 261 -13.90 4.13 -16.80
N GLN A 262 -14.91 3.45 -17.34
CA GLN A 262 -16.23 3.52 -16.72
C GLN A 262 -16.18 3.14 -15.25
N ARG A 263 -15.38 2.13 -14.91
CA ARG A 263 -15.30 1.73 -13.52
C ARG A 263 -14.80 2.87 -12.67
N TRP A 264 -13.77 3.58 -13.15
CA TRP A 264 -13.27 4.75 -12.46
C TRP A 264 -14.36 5.81 -12.32
N ILE A 265 -15.04 6.12 -13.42
CA ILE A 265 -16.11 7.11 -13.39
C ILE A 265 -17.17 6.73 -12.39
N ASN A 266 -17.60 5.46 -12.45
CA ASN A 266 -18.73 5.00 -11.65
C ASN A 266 -18.35 4.73 -10.20
N ARG A 267 -17.06 4.54 -9.92
CA ARG A 267 -16.67 4.19 -8.57
C ARG A 267 -15.75 5.24 -7.95
N ASP A 268 -14.47 5.18 -8.31
CA ASP A 268 -13.47 5.90 -7.54
C ASP A 268 -13.54 7.38 -7.79
N LYS A 269 -13.73 7.79 -9.04
CA LYS A 269 -14.03 9.19 -9.28
C LYS A 269 -15.25 9.59 -8.49
N LEU A 270 -16.30 8.81 -8.58
CA LEU A 270 -17.56 9.15 -7.91
C LEU A 270 -17.35 9.27 -6.41
N PHE A 271 -16.52 8.41 -5.85
CA PHE A 271 -16.26 8.50 -4.43
C PHE A 271 -15.60 9.83 -4.08
N ILE A 272 -14.58 10.22 -4.85
CA ILE A 272 -13.97 11.53 -4.66
C ILE A 272 -15.03 12.62 -4.80
N ASP A 273 -15.86 12.52 -5.84
CA ASP A 273 -16.88 13.53 -6.07
C ASP A 273 -17.85 13.61 -4.91
N VAL A 274 -18.37 12.46 -4.48
CA VAL A 274 -19.46 12.44 -3.51
C VAL A 274 -18.95 12.51 -2.09
N ALA A 275 -17.86 11.81 -1.80
CA ALA A 275 -17.40 11.66 -0.43
C ALA A 275 -16.09 12.38 -0.14
N GLY A 276 -15.41 12.89 -1.16
CA GLY A 276 -14.11 13.51 -0.95
C GLY A 276 -14.10 14.50 0.20
N GLU A 277 -15.09 15.37 0.27
CA GLU A 277 -14.99 16.40 1.32
C GLU A 277 -15.32 15.85 2.71
N LYS A 278 -15.79 14.60 2.81
CA LYS A 278 -16.09 13.99 4.10
C LYS A 278 -15.06 12.96 4.54
N MET A 279 -14.16 12.55 3.65
CA MET A 279 -13.14 11.59 4.02
C MET A 279 -11.87 12.32 4.42
N ASP A 280 -11.25 11.83 5.50
CA ASP A 280 -9.90 12.27 5.88
C ASP A 280 -8.83 11.52 5.13
N PHE A 281 -9.10 10.31 4.68
CA PHE A 281 -8.12 9.58 3.93
C PHE A 281 -8.82 8.66 2.95
N TRP A 282 -8.07 8.24 1.95
CA TRP A 282 -8.50 7.20 1.05
C TRP A 282 -8.02 5.87 1.57
N SER A 283 -8.85 4.84 1.42
CA SER A 283 -8.49 3.49 1.82
C SER A 283 -8.61 2.57 0.62
N TRP A 284 -7.56 1.81 0.36
CA TRP A 284 -7.53 0.89 -0.75
C TRP A 284 -6.97 -0.44 -0.28
N HIS A 285 -7.38 -1.45 -0.99
CA HIS A 285 -6.72 -2.75 -0.82
C HIS A 285 -6.00 -2.92 -2.16
N LEU A 286 -4.73 -3.25 -2.12
CA LEU A 286 -3.94 -3.31 -3.37
C LEU A 286 -3.32 -4.70 -3.49
N TYR A 287 -3.99 -5.55 -4.24
CA TYR A 287 -3.51 -6.94 -4.33
C TYR A 287 -3.00 -7.31 -5.70
N ASP A 288 -1.79 -7.84 -5.72
CA ASP A 288 -1.27 -8.41 -6.96
C ASP A 288 -1.98 -9.74 -7.11
N PHE A 289 -2.31 -10.09 -8.33
CA PHE A 289 -2.99 -11.39 -8.60
C PHE A 289 -2.03 -12.22 -9.45
N PRO A 290 -0.94 -12.76 -8.89
CA PRO A 290 0.03 -13.46 -9.70
C PRO A 290 -0.49 -14.75 -10.32
N VAL A 291 -1.55 -15.32 -9.75
CA VAL A 291 -1.97 -16.64 -10.20
C VAL A 291 -3.48 -16.71 -10.19
N ILE A 292 -4.12 -15.89 -11.01
CA ILE A 292 -5.57 -15.90 -11.10
C ILE A 292 -5.93 -16.51 -12.44
N GLY A 293 -6.40 -17.75 -12.40
CA GLY A 293 -6.74 -18.47 -13.61
C GLY A 293 -5.57 -18.54 -14.56
N GLY A 294 -4.39 -18.84 -14.04
CA GLY A 294 -3.18 -18.89 -14.83
C GLY A 294 -2.72 -17.55 -15.35
N LYS A 295 -3.40 -16.47 -14.99
CA LYS A 295 -3.01 -15.14 -15.42
C LYS A 295 -2.25 -14.43 -14.29
N GLU A 296 -1.44 -13.48 -14.69
CA GLU A 296 -0.55 -12.73 -13.82
C GLU A 296 -1.04 -11.29 -13.93
N ASP A 297 -1.88 -10.92 -13.00
CA ASP A 297 -2.56 -9.63 -13.01
C ASP A 297 -1.97 -8.83 -11.85
N ILE A 298 -0.94 -8.07 -12.19
CA ILE A 298 -0.12 -7.46 -11.12
C ILE A 298 -0.25 -5.96 -11.01
N ARG A 299 -0.57 -5.51 -9.82
CA ARG A 299 -0.57 -4.08 -9.55
C ARG A 299 0.84 -3.53 -9.43
N SER A 300 1.72 -4.27 -8.76
CA SER A 300 3.10 -3.85 -8.57
C SER A 300 3.68 -3.29 -9.85
N GLY A 301 4.39 -2.18 -9.74
CA GLY A 301 4.90 -1.56 -10.94
C GLY A 301 3.98 -0.48 -11.48
N SER A 302 3.89 -0.37 -12.81
CA SER A 302 3.20 0.77 -13.40
C SER A 302 1.74 0.84 -13.00
N ASN A 303 1.09 -0.31 -12.82
CA ASN A 303 -0.36 -0.31 -12.56
C ASN A 303 -0.70 0.37 -11.24
N VAL A 304 -0.05 -0.06 -10.15
CA VAL A 304 -0.32 0.60 -8.87
C VAL A 304 0.10 2.06 -8.93
N GLU A 305 1.16 2.36 -9.67
CA GLU A 305 1.59 3.75 -9.80
C GLU A 305 0.53 4.56 -10.52
N ALA A 306 -0.06 4.01 -11.57
CA ALA A 306 -1.12 4.73 -12.29
C ALA A 306 -2.34 4.92 -11.43
N THR A 307 -2.58 3.97 -10.53
CA THR A 307 -3.74 4.02 -9.65
C THR A 307 -3.62 5.18 -8.68
N PHE A 308 -2.52 5.21 -7.92
CA PHE A 308 -2.18 6.40 -7.15
C PHE A 308 -2.19 7.64 -8.04
N ASP A 309 -1.53 7.56 -9.21
CA ASP A 309 -1.41 8.74 -10.06
C ASP A 309 -2.78 9.31 -10.42
N MET A 310 -3.66 8.46 -10.96
CA MET A 310 -4.97 8.93 -11.40
C MET A 310 -5.79 9.44 -10.23
N HIS A 311 -5.84 8.66 -9.15
CA HIS A 311 -6.60 9.07 -7.98
C HIS A 311 -6.05 10.36 -7.40
N ASP A 312 -4.72 10.47 -7.28
CA ASP A 312 -4.12 11.72 -6.87
C ASP A 312 -4.45 12.84 -7.82
N HIS A 313 -4.38 12.55 -9.12
CA HIS A 313 -4.55 13.61 -10.10
C HIS A 313 -5.95 14.16 -10.04
N TYR A 314 -6.94 13.26 -10.08
CA TYR A 314 -8.32 13.71 -9.96
C TYR A 314 -8.56 14.40 -8.63
N SER A 315 -8.05 13.83 -7.54
CA SER A 315 -8.19 14.47 -6.24
C SER A 315 -7.67 15.90 -6.30
N MET A 316 -6.49 16.09 -6.90
CA MET A 316 -5.99 17.44 -7.10
C MET A 316 -6.95 18.28 -7.94
N LEU A 317 -7.43 17.73 -9.05
CA LEU A 317 -8.31 18.52 -9.91
C LEU A 317 -9.65 18.81 -9.21
N LYS A 318 -10.22 17.81 -8.54
CA LYS A 318 -11.56 17.97 -7.99
C LYS A 318 -11.53 18.61 -6.61
N LEU A 319 -10.74 18.05 -5.70
CA LEU A 319 -10.69 18.54 -4.33
C LEU A 319 -9.68 19.65 -4.14
N GLY A 320 -8.70 19.78 -5.04
CA GLY A 320 -7.61 20.72 -4.86
C GLY A 320 -6.58 20.30 -3.85
N HIS A 321 -6.59 19.04 -3.44
CA HIS A 321 -5.63 18.56 -2.47
C HIS A 321 -5.57 17.05 -2.58
N LYS A 322 -4.47 16.48 -2.07
CA LYS A 322 -4.37 15.04 -1.91
C LYS A 322 -4.74 14.65 -0.49
N LYS A 323 -5.21 13.42 -0.34
CA LYS A 323 -5.43 12.84 0.97
C LYS A 323 -4.50 11.66 1.15
N PRO A 324 -4.12 11.34 2.38
CA PRO A 324 -3.29 10.15 2.59
C PRO A 324 -4.07 8.89 2.27
N TYR A 325 -3.32 7.83 1.99
CA TYR A 325 -3.92 6.53 1.71
C TYR A 325 -3.64 5.62 2.88
N VAL A 326 -4.67 4.92 3.31
CA VAL A 326 -4.49 3.73 4.13
C VAL A 326 -4.63 2.56 3.17
N ILE A 327 -3.51 1.89 2.87
CA ILE A 327 -3.55 0.62 2.13
C ILE A 327 -3.71 -0.46 3.18
N SER A 328 -4.94 -0.65 3.62
CA SER A 328 -5.17 -1.51 4.78
C SER A 328 -5.01 -2.99 4.46
N GLU A 329 -5.01 -3.34 3.18
CA GLU A 329 -4.64 -4.68 2.77
C GLU A 329 -3.85 -4.55 1.50
N TYR A 330 -2.70 -5.20 1.45
CA TYR A 330 -2.02 -5.32 0.18
C TYR A 330 -1.15 -6.56 0.20
N GLY A 331 -0.59 -6.85 -0.95
CA GLY A 331 0.21 -8.04 -1.11
C GLY A 331 -0.28 -8.78 -2.33
N ALA A 332 -0.47 -10.08 -2.20
CA ALA A 332 -0.96 -10.89 -3.30
C ALA A 332 -2.08 -11.77 -2.78
N GLN A 333 -2.96 -12.15 -3.69
CA GLN A 333 -3.86 -13.26 -3.45
C GLN A 333 -3.48 -14.34 -4.44
N THR A 334 -3.85 -15.58 -4.12
CA THR A 334 -3.31 -16.74 -4.80
C THR A 334 -4.45 -17.65 -5.23
N HIS A 335 -5.25 -17.15 -6.18
CA HIS A 335 -6.48 -17.82 -6.56
C HIS A 335 -6.24 -19.24 -7.04
N ASP A 336 -5.23 -19.44 -7.88
CA ASP A 336 -5.02 -20.78 -8.40
C ASP A 336 -4.59 -21.76 -7.31
N PHE A 337 -4.29 -21.28 -6.10
CA PHE A 337 -3.94 -22.13 -4.98
C PHE A 337 -5.07 -22.26 -3.96
N ARG A 338 -6.24 -21.66 -4.23
CA ARG A 338 -7.27 -21.58 -3.20
C ARG A 338 -7.74 -22.96 -2.74
N ASN A 339 -7.56 -24.00 -3.54
CA ASN A 339 -7.92 -25.33 -3.11
C ASN A 339 -6.72 -26.11 -2.57
N GLU A 340 -5.66 -25.40 -2.24
CA GLU A 340 -4.45 -25.97 -1.65
C GLU A 340 -4.19 -25.28 -0.33
N GLY A 341 -3.41 -25.96 0.50
CA GLY A 341 -3.01 -25.44 1.80
C GLY A 341 -1.77 -24.57 1.70
N TRP A 342 -1.02 -24.52 2.79
CA TRP A 342 0.16 -23.68 2.84
C TRP A 342 1.28 -24.25 1.99
N SER A 343 2.01 -23.37 1.31
CA SER A 343 3.31 -23.72 0.74
C SER A 343 4.22 -22.51 0.81
N SER A 344 5.52 -22.81 0.86
CA SER A 344 6.47 -21.72 0.85
C SER A 344 6.36 -20.92 -0.43
N TYR A 345 6.17 -21.62 -1.57
CA TYR A 345 6.04 -20.91 -2.83
C TYR A 345 4.85 -19.99 -2.80
N ARG A 346 3.74 -20.45 -2.23
CA ARG A 346 2.55 -19.63 -2.12
C ARG A 346 2.82 -18.42 -1.25
N ASP A 347 3.54 -18.61 -0.14
CA ASP A 347 4.02 -17.46 0.62
C ASP A 347 4.87 -16.55 -0.25
N TRP A 348 5.71 -17.14 -1.11
CA TRP A 348 6.54 -16.32 -1.98
C TRP A 348 5.69 -15.36 -2.79
N LEU A 349 4.62 -15.87 -3.38
CA LEU A 349 3.78 -15.03 -4.24
C LEU A 349 3.33 -13.80 -3.48
N PHE A 350 2.98 -13.97 -2.21
CA PHE A 350 2.64 -12.82 -1.38
C PHE A 350 3.88 -11.98 -1.09
N VAL A 351 4.97 -12.63 -0.65
CA VAL A 351 6.17 -11.90 -0.27
C VAL A 351 6.69 -11.07 -1.44
N ARG A 352 6.70 -11.65 -2.65
CA ARG A 352 7.11 -10.89 -3.81
CA ARG A 352 7.12 -10.87 -3.80
C ARG A 352 6.22 -9.67 -4.02
N ALA A 353 4.91 -9.87 -3.94
CA ALA A 353 3.98 -8.78 -4.18
C ALA A 353 4.13 -7.71 -3.12
N GLN A 354 4.21 -8.10 -1.84
CA GLN A 354 4.26 -7.09 -0.81
C GLN A 354 5.50 -6.21 -0.97
N ASN A 355 6.64 -6.82 -1.28
CA ASN A 355 7.86 -6.03 -1.49
C ASN A 355 7.66 -5.01 -2.60
N SER A 356 7.32 -5.50 -3.79
CA SER A 356 7.19 -4.61 -4.93
C SER A 356 6.17 -3.53 -4.65
N LEU A 357 5.06 -3.89 -4.01
CA LEU A 357 4.05 -2.91 -3.68
C LEU A 357 4.54 -1.95 -2.61
N MET A 358 5.19 -2.48 -1.57
CA MET A 358 5.64 -1.58 -0.51
C MET A 358 6.65 -0.57 -1.03
N MET A 359 7.50 -0.98 -1.98
CA MET A 359 8.47 -0.04 -2.52
C MET A 359 7.75 1.16 -3.11
N SER A 360 6.64 0.91 -3.81
CA SER A 360 5.85 2.00 -4.38
C SER A 360 5.28 2.88 -3.30
N PHE A 361 4.84 2.28 -2.19
CA PHE A 361 4.30 3.08 -1.11
C PHE A 361 5.39 3.90 -0.46
N MET A 362 6.62 3.37 -0.42
CA MET A 362 7.72 4.10 0.18
C MET A 362 8.17 5.25 -0.70
N GLU A 363 7.83 5.24 -1.98
CA GLU A 363 8.14 6.38 -2.83
C GLU A 363 7.26 7.57 -2.51
N ARG A 364 6.14 7.34 -1.84
CA ARG A 364 5.15 8.39 -1.59
C ARG A 364 4.81 8.47 -0.11
N PRO A 365 5.82 8.57 0.75
CA PRO A 365 5.54 8.52 2.19
C PRO A 365 4.53 9.55 2.64
N GLU A 366 4.50 10.72 2.01
CA GLU A 366 3.56 11.74 2.46
C GLU A 366 2.13 11.40 2.05
N ASP A 367 1.94 10.50 1.09
CA ASP A 367 0.60 10.11 0.70
C ASP A 367 0.14 8.85 1.39
N ILE A 368 1.02 8.19 2.12
CA ILE A 368 0.69 6.92 2.76
C ILE A 368 0.48 7.19 4.24
N ALA A 369 -0.77 7.06 4.70
CA ALA A 369 -1.03 7.09 6.12
C ALA A 369 -0.56 5.80 6.79
N MET A 370 -0.76 4.68 6.10
CA MET A 370 -0.54 3.36 6.66
C MET A 370 -0.72 2.35 5.54
N ALA A 371 0.22 1.42 5.40
CA ALA A 371 0.10 0.35 4.42
C ALA A 371 0.33 -0.97 5.11
N ILE A 372 -0.67 -1.83 5.08
CA ILE A 372 -0.64 -3.08 5.84
C ILE A 372 -0.67 -4.24 4.87
N PRO A 373 0.37 -5.07 4.80
CA PRO A 373 0.27 -6.29 4.00
C PRO A 373 -0.78 -7.19 4.62
N PHE A 374 -1.61 -7.80 3.79
CA PHE A 374 -2.68 -8.58 4.37
C PHE A 374 -2.11 -9.90 4.82
N THR A 375 -1.66 -9.91 6.06
CA THR A 375 -1.12 -11.11 6.68
C THR A 375 -1.72 -11.14 8.07
N ILE A 376 -2.56 -12.15 8.30
CA ILE A 376 -3.20 -12.38 9.58
C ILE A 376 -2.27 -13.28 10.40
N VAL A 377 -2.32 -13.16 11.72
CA VAL A 377 -1.41 -13.96 12.53
C VAL A 377 -1.64 -15.42 12.27
N LYS A 378 -2.89 -15.87 12.44
CA LYS A 378 -3.24 -17.28 12.23
C LYS A 378 -4.54 -17.42 11.43
N ALA A 379 -5.43 -16.45 11.55
CA ALA A 379 -6.69 -16.48 10.82
C ALA A 379 -7.41 -17.79 11.04
N GLU A 380 -7.36 -18.29 12.28
CA GLU A 380 -8.17 -19.45 12.63
C GLU A 380 -9.63 -19.21 12.32
N TRP A 381 -10.09 -17.96 12.46
CA TRP A 381 -11.44 -17.60 12.06
C TRP A 381 -11.66 -17.74 10.57
N GLY A 382 -10.60 -17.81 9.78
CA GLY A 382 -10.74 -17.96 8.35
C GLY A 382 -10.54 -19.37 7.88
N PHE A 383 -10.46 -20.33 8.79
CA PHE A 383 -10.27 -21.70 8.34
C PHE A 383 -11.49 -22.14 7.55
N ASN A 384 -11.23 -22.80 6.43
CA ASN A 384 -12.28 -23.29 5.54
C ASN A 384 -12.55 -24.74 5.91
N THR A 385 -13.65 -24.96 6.63
CA THR A 385 -13.99 -26.29 7.11
C THR A 385 -14.51 -27.18 5.98
N ASP A 386 -15.20 -26.61 5.01
CA ASP A 386 -15.64 -27.38 3.86
C ASP A 386 -14.47 -27.94 3.08
N LYS A 387 -13.40 -27.15 2.97
CA LYS A 387 -12.26 -27.58 2.20
C LYS A 387 -11.16 -28.16 3.06
N ASN A 388 -11.28 -28.05 4.39
CA ASN A 388 -10.21 -28.43 5.30
C ASN A 388 -8.89 -27.73 4.94
N LEU A 389 -9.00 -26.45 4.59
CA LEU A 389 -7.84 -25.65 4.26
C LEU A 389 -7.80 -24.42 5.15
N PRO A 390 -6.62 -24.00 5.58
CA PRO A 390 -6.54 -22.77 6.37
C PRO A 390 -6.67 -21.55 5.48
N TYR A 391 -6.91 -20.42 6.13
CA TYR A 391 -6.90 -19.13 5.46
C TYR A 391 -5.57 -18.94 4.73
N PRO A 392 -5.58 -18.30 3.57
CA PRO A 392 -4.33 -18.18 2.80
C PRO A 392 -3.33 -17.20 3.40
N ALA A 393 -3.80 -16.18 4.11
CA ALA A 393 -3.00 -15.00 4.41
C ALA A 393 -2.62 -15.03 5.88
N ARG A 394 -1.54 -15.77 6.18
CA ARG A 394 -1.20 -16.12 7.55
C ARG A 394 0.27 -15.88 7.82
N LEU A 395 0.55 -15.28 8.98
CA LEU A 395 1.93 -15.23 9.45
C LEU A 395 2.36 -16.59 9.94
N MET A 396 1.45 -17.30 10.59
CA MET A 396 1.73 -18.54 11.27
C MET A 396 1.02 -19.70 10.57
N ARG A 397 1.60 -20.88 10.70
CA ARG A 397 0.97 -22.10 10.26
C ARG A 397 1.29 -23.17 11.30
N LYS A 398 0.43 -24.15 11.40
CA LYS A 398 0.74 -25.30 12.23
C LYS A 398 1.88 -26.08 11.59
N ALA A 399 2.84 -26.52 12.42
CA ALA A 399 4.06 -27.13 11.92
C ALA A 399 3.80 -28.25 10.91
N ASN A 400 2.72 -29.00 11.10
CA ASN A 400 2.51 -30.18 10.27
C ASN A 400 1.81 -29.86 8.96
N GLU A 401 1.42 -28.62 8.75
CA GLU A 401 0.85 -28.25 7.47
C GLU A 401 1.89 -28.44 6.37
N PRO A 402 1.45 -28.64 5.12
CA PRO A 402 0.05 -28.72 4.70
C PRO A 402 -0.55 -30.06 4.99
N GLU A 403 0.31 -31.04 5.30
CA GLU A 403 -0.16 -32.42 5.44
C GLU A 403 -1.20 -32.54 6.54
N SER A 404 -1.06 -31.77 7.61
CA SER A 404 -1.97 -31.86 8.74
C SER A 404 -2.08 -30.50 9.42
N TYR A 405 -3.30 -30.13 9.78
CA TYR A 405 -3.53 -28.88 10.51
C TYR A 405 -3.32 -29.11 12.00
N THR A 406 -2.11 -29.57 12.32
CA THR A 406 -1.73 -29.91 13.68
C THR A 406 -0.29 -29.50 13.89
N GLY A 407 0.18 -29.65 15.11
CA GLY A 407 1.49 -29.20 15.48
C GLY A 407 1.46 -27.77 15.98
N GLU A 408 2.60 -27.36 16.54
CA GLU A 408 2.71 -26.02 17.07
C GLU A 408 2.66 -24.99 15.94
N TRP A 409 2.32 -23.76 16.31
CA TRP A 409 2.30 -22.68 15.35
C TRP A 409 3.72 -22.23 15.05
N VAL A 410 4.11 -22.29 13.81
CA VAL A 410 5.41 -21.88 13.40
C VAL A 410 5.19 -20.84 12.36
N TYR A 411 6.22 -20.11 12.03
CA TYR A 411 6.12 -19.11 11.02
C TYR A 411 5.94 -19.63 9.65
N THR A 412 5.21 -18.91 8.85
CA THR A 412 5.13 -19.22 7.46
C THR A 412 6.31 -18.49 6.91
N ASP A 413 6.62 -18.72 5.65
CA ASP A 413 7.67 -17.98 5.02
C ASP A 413 7.36 -16.54 4.71
N ARG A 414 6.21 -16.07 5.12
CA ARG A 414 5.90 -14.68 5.02
C ARG A 414 6.74 -13.91 6.02
N VAL A 415 7.17 -14.57 7.09
CA VAL A 415 8.04 -13.95 8.06
C VAL A 415 9.35 -13.49 7.49
N LYS A 416 9.74 -14.05 6.39
CA LYS A 416 10.98 -13.71 5.78
C LYS A 416 10.95 -12.31 5.28
N PHE A 417 9.80 -11.80 4.93
CA PHE A 417 9.69 -10.42 4.59
C PHE A 417 10.15 -9.61 5.77
N TYR A 418 9.52 -9.81 6.91
CA TYR A 418 9.89 -9.05 8.09
C TYR A 418 11.35 -9.28 8.46
N ASP A 419 11.79 -10.53 8.37
CA ASP A 419 13.19 -10.84 8.63
C ASP A 419 14.07 -9.95 7.76
N LEU A 420 13.74 -9.88 6.48
CA LEU A 420 14.55 -9.07 5.57
C LEU A 420 14.50 -7.60 5.96
N TRP A 421 13.33 -7.11 6.35
CA TRP A 421 13.19 -5.69 6.62
C TRP A 421 13.42 -5.32 8.06
N LYS A 422 13.89 -6.26 8.88
CA LYS A 422 13.83 -6.04 10.32
C LYS A 422 14.62 -4.82 10.76
N ASN A 423 15.67 -4.46 10.02
CA ASN A 423 16.56 -3.38 10.44
C ASN A 423 16.35 -2.07 9.70
N VAL A 424 15.57 -2.04 8.62
CA VAL A 424 15.57 -0.85 7.78
C VAL A 424 15.06 0.32 8.60
N LYS A 425 15.90 1.35 8.73
CA LYS A 425 15.47 2.60 9.33
C LYS A 425 16.45 3.66 8.90
N GLY A 426 16.04 4.91 9.05
CA GLY A 426 16.94 6.01 8.85
C GLY A 426 16.47 6.97 7.78
N THR A 427 17.37 7.84 7.39
CA THR A 427 17.10 8.91 6.45
C THR A 427 17.10 8.38 5.03
N ARG A 428 16.00 8.57 4.33
CA ARG A 428 15.96 8.22 2.92
C ARG A 428 17.01 8.99 2.15
N ILE A 429 17.70 8.27 1.29
CA ILE A 429 18.73 8.90 0.46
C ILE A 429 18.39 8.67 -1.00
N ASP A 430 18.99 9.47 -1.87
CA ASP A 430 18.67 9.40 -3.28
C ASP A 430 19.15 8.09 -3.88
N THR A 431 18.24 7.34 -4.46
CA THR A 431 18.63 6.21 -5.28
C THR A 431 17.93 6.30 -6.62
N LYS A 432 18.44 5.52 -7.55
CA LYS A 432 18.01 5.65 -8.92
C LYS A 432 18.44 4.37 -9.61
N SER A 433 17.59 3.86 -10.48
CA SER A 433 17.88 2.69 -11.28
C SER A 433 17.75 3.04 -12.75
N THR A 434 18.72 2.57 -13.55
CA THR A 434 18.59 2.70 -14.99
C THR A 434 17.42 1.89 -15.51
N ASP A 435 17.01 0.86 -14.79
CA ASP A 435 15.91 -0.01 -15.20
C ASP A 435 14.76 0.19 -14.23
N LEU A 436 13.64 0.69 -14.74
CA LEU A 436 12.48 0.97 -13.91
C LEU A 436 11.90 -0.27 -13.24
N ASP A 437 12.31 -1.46 -13.66
CA ASP A 437 11.83 -2.66 -13.00
C ASP A 437 12.59 -2.95 -11.72
N ILE A 438 13.73 -2.32 -11.54
CA ILE A 438 14.47 -2.43 -10.29
C ILE A 438 14.08 -1.22 -9.46
N GLN A 439 13.19 -1.47 -8.52
CA GLN A 439 12.74 -0.45 -7.58
C GLN A 439 13.79 -0.37 -6.48
N VAL A 440 14.33 0.81 -6.28
CA VAL A 440 15.41 0.99 -5.34
C VAL A 440 14.96 1.99 -4.29
N ASP A 441 15.42 1.76 -3.08
CA ASP A 441 15.29 2.76 -2.03
C ASP A 441 16.47 2.56 -1.11
N ALA A 442 16.74 3.58 -0.30
CA ALA A 442 17.84 3.45 0.65
C ALA A 442 17.63 4.38 1.82
N TYR A 443 18.01 3.91 2.99
CA TYR A 443 17.86 4.66 4.21
C TYR A 443 19.16 4.54 4.97
N VAL A 444 19.64 5.67 5.49
CA VAL A 444 20.87 5.72 6.25
C VAL A 444 20.52 6.04 7.70
N ASP A 445 20.85 5.11 8.60
CA ASP A 445 20.67 5.30 10.03
C ASP A 445 22.07 5.47 10.61
N GLY A 446 22.53 6.72 10.67
CA GLY A 446 23.82 7.01 11.26
C GLY A 446 24.92 6.40 10.42
N ASN A 447 25.58 5.37 10.93
CA ASN A 447 26.58 4.66 10.15
C ASN A 447 26.04 3.38 9.53
N LYS A 448 24.75 3.11 9.66
CA LYS A 448 24.11 1.97 9.01
C LYS A 448 23.40 2.43 7.76
N GLY A 449 23.64 1.74 6.66
CA GLY A 449 22.97 2.01 5.40
C GLY A 449 22.11 0.82 5.00
N TYR A 450 20.93 1.11 4.51
CA TYR A 450 20.02 0.07 4.05
C TYR A 450 19.69 0.37 2.60
N LEU A 451 20.24 -0.41 1.70
CA LEU A 451 19.97 -0.27 0.28
C LEU A 451 19.00 -1.38 -0.10
N ILE A 452 17.83 -1.02 -0.59
CA ILE A 452 16.82 -1.99 -0.98
C ILE A 452 16.76 -2.06 -2.50
N LEU A 453 16.99 -3.25 -3.03
CA LEU A 453 16.84 -3.54 -4.45
C LEU A 453 15.68 -4.50 -4.58
N ASN A 454 14.67 -4.09 -5.32
CA ASN A 454 13.46 -4.89 -5.45
C ASN A 454 13.18 -5.10 -6.93
N ASN A 455 13.00 -6.34 -7.32
CA ASN A 455 12.90 -6.72 -8.72
C ASN A 455 11.43 -6.89 -9.11
N LEU A 456 10.89 -5.92 -9.86
CA LEU A 456 9.52 -6.02 -10.33
C LEU A 456 9.35 -7.13 -11.36
N GLU A 457 10.43 -7.51 -12.01
CA GLU A 457 10.36 -8.41 -13.15
C GLU A 457 10.76 -9.83 -12.75
N SER A 458 10.35 -10.77 -13.60
CA SER A 458 10.62 -12.20 -13.41
C SER A 458 11.95 -12.61 -14.03
N GLU A 459 12.83 -11.65 -14.30
CA GLU A 459 14.16 -11.88 -14.82
C GLU A 459 15.17 -11.61 -13.71
N GLU A 460 16.18 -12.47 -13.59
CA GLU A 460 17.30 -12.12 -12.73
C GLU A 460 18.01 -10.91 -13.32
N THR A 461 18.39 -9.98 -12.46
CA THR A 461 19.00 -8.74 -12.92
C THR A 461 20.37 -8.59 -12.30
N GLU A 462 21.39 -8.45 -13.14
CA GLU A 462 22.69 -8.03 -12.68
C GLU A 462 22.65 -6.54 -12.38
N ILE A 463 22.78 -6.18 -11.11
CA ILE A 463 22.75 -4.80 -10.67
C ILE A 463 24.17 -4.32 -10.49
N THR A 464 24.57 -3.31 -11.26
CA THR A 464 25.79 -2.59 -10.98
C THR A 464 25.48 -1.52 -9.94
N LEU A 465 26.23 -1.54 -8.84
CA LEU A 465 26.01 -0.61 -7.74
C LEU A 465 26.93 0.58 -7.91
N ASP A 466 26.34 1.76 -8.02
CA ASP A 466 27.10 3.00 -8.14
C ASP A 466 26.82 3.79 -6.87
N VAL A 467 27.51 3.43 -5.80
CA VAL A 467 27.28 4.01 -4.48
C VAL A 467 28.25 5.17 -4.32
N PHE A 468 27.74 6.39 -4.30
CA PHE A 468 28.58 7.58 -4.17
C PHE A 468 28.43 8.17 -2.78
N GLU A 469 29.56 8.46 -2.16
CA GLU A 469 29.62 9.01 -0.81
C GLU A 469 30.71 10.07 -0.79
N LYS A 470 30.35 11.31 -0.48
CA LYS A 470 31.26 12.45 -0.68
C LYS A 470 32.48 12.38 0.22
N TYR A 471 32.35 11.86 1.45
CA TYR A 471 33.35 12.02 2.49
C TYR A 471 34.10 10.74 2.82
N ASP A 472 34.38 9.90 1.82
CA ASP A 472 35.37 8.85 1.97
C ASP A 472 35.00 7.82 3.03
N SER A 473 33.79 7.89 3.58
CA SER A 473 33.48 7.07 4.75
C SER A 473 33.45 5.62 4.34
N SER A 474 34.33 4.86 4.92
CA SER A 474 34.52 3.50 4.53
C SER A 474 33.56 2.47 5.01
N ILE A 475 33.34 1.49 4.16
CA ILE A 475 32.48 0.41 4.52
C ILE A 475 33.25 -0.58 5.35
N THR A 476 32.74 -0.89 6.50
CA THR A 476 33.34 -1.86 7.33
C THR A 476 32.63 -3.17 7.13
N ASN A 477 31.39 -3.09 6.67
CA ASN A 477 30.60 -4.29 6.47
C ASN A 477 29.36 -4.15 5.62
N ILE A 478 29.19 -5.02 4.65
CA ILE A 478 27.93 -5.12 3.95
C ILE A 478 27.34 -6.47 4.29
N LEU A 479 26.15 -6.46 4.87
CA LEU A 479 25.34 -7.67 4.96
C LEU A 479 24.38 -7.63 3.78
N LYS A 480 24.62 -8.52 2.82
CA LYS A 480 23.77 -8.64 1.63
C LYS A 480 22.69 -9.66 1.94
N ARG A 481 21.47 -9.19 2.07
CA ARG A 481 20.37 -10.03 2.46
C ARG A 481 19.44 -10.15 1.26
N HIS A 482 19.40 -11.32 0.66
CA HIS A 482 18.71 -11.56 -0.59
C HIS A 482 17.48 -12.40 -0.30
N LEU A 483 16.32 -11.75 -0.33
CA LEU A 483 15.03 -12.41 -0.13
C LEU A 483 14.55 -12.88 -1.50
N THR A 484 14.55 -14.19 -1.71
CA THR A 484 14.33 -14.70 -3.05
C THR A 484 13.72 -16.09 -2.96
N LEU A 485 13.45 -16.65 -4.13
CA LEU A 485 12.85 -17.96 -4.28
C LEU A 485 13.94 -18.92 -4.72
N SER A 486 14.22 -19.89 -3.86
CA SER A 486 15.20 -20.94 -4.15
C SER A 486 14.54 -22.28 -3.90
N SER A 487 14.50 -23.13 -4.92
CA SER A 487 13.84 -24.42 -4.84
C SER A 487 12.40 -24.27 -4.36
N ASN A 488 11.69 -23.28 -4.90
CA ASN A 488 10.28 -23.04 -4.63
C ASN A 488 10.01 -22.70 -3.16
N ASN A 489 11.05 -22.44 -2.39
CA ASN A 489 10.90 -21.96 -1.03
C ASN A 489 11.39 -20.52 -0.95
N VAL A 490 10.74 -19.75 -0.09
CA VAL A 490 11.27 -18.44 0.26
C VAL A 490 12.53 -18.62 1.09
N VAL A 491 13.59 -17.95 0.69
CA VAL A 491 14.82 -17.94 1.46
C VAL A 491 15.31 -16.51 1.56
N ILE A 492 16.10 -16.26 2.59
CA ILE A 492 16.95 -15.09 2.60
C ILE A 492 18.37 -15.61 2.51
N GLU A 493 18.97 -15.46 1.34
CA GLU A 493 20.36 -15.78 1.16
C GLU A 493 21.16 -14.58 1.64
N GLU A 494 22.13 -14.83 2.52
CA GLU A 494 22.97 -13.77 3.08
C GLU A 494 24.41 -14.01 2.68
N GLU A 495 25.08 -12.95 2.22
CA GLU A 495 26.53 -12.90 2.17
C GLU A 495 27.00 -11.65 2.90
N THR A 496 28.20 -11.73 3.43
CA THR A 496 28.77 -10.60 4.14
C THR A 496 30.04 -10.16 3.42
N PHE A 497 30.23 -8.86 3.36
CA PHE A 497 31.38 -8.28 2.69
C PHE A 497 32.02 -7.28 3.64
N SER A 498 33.32 -7.04 3.46
CA SER A 498 34.06 -6.11 4.29
C SER A 498 34.45 -4.83 3.55
N SER A 499 34.08 -4.71 2.28
CA SER A 499 34.39 -3.56 1.47
C SER A 499 33.29 -3.42 0.44
N SER A 500 33.28 -2.28 -0.25
CA SER A 500 32.21 -2.01 -1.20
C SER A 500 32.10 -3.14 -2.22
N ILE A 501 30.86 -3.41 -2.62
CA ILE A 501 30.60 -4.35 -3.70
C ILE A 501 30.03 -3.56 -4.87
N SER A 502 30.40 -3.97 -6.09
CA SER A 502 30.03 -3.24 -7.28
C SER A 502 28.84 -3.83 -8.00
N THR A 503 28.69 -5.16 -7.98
CA THR A 503 27.55 -5.81 -8.61
C THR A 503 26.94 -6.81 -7.65
N VAL A 504 25.62 -6.94 -7.74
CA VAL A 504 24.90 -8.02 -7.10
C VAL A 504 23.96 -8.61 -8.13
N GLN A 505 23.62 -9.87 -7.93
CA GLN A 505 22.57 -10.53 -8.70
C GLN A 505 21.27 -10.40 -7.92
N LEU A 506 20.33 -9.64 -8.45
CA LEU A 506 18.99 -9.58 -7.87
C LEU A 506 18.12 -10.62 -8.56
N GLY A 507 17.57 -11.54 -7.77
CA GLY A 507 16.80 -12.62 -8.36
C GLY A 507 15.51 -12.12 -9.00
N ALA A 508 14.98 -12.96 -9.88
CA ALA A 508 13.63 -12.73 -10.39
C ALA A 508 12.69 -12.44 -9.24
N GLY A 509 11.89 -11.38 -9.39
CA GLY A 509 10.87 -11.02 -8.43
C GLY A 509 11.39 -10.86 -7.01
N SER A 510 12.70 -10.73 -6.86
CA SER A 510 13.32 -10.83 -5.55
C SER A 510 13.59 -9.44 -4.99
N THR A 511 13.90 -9.42 -3.71
CA THR A 511 14.19 -8.19 -2.99
C THR A 511 15.48 -8.41 -2.23
N MET A 512 16.39 -7.45 -2.34
CA MET A 512 17.65 -7.57 -1.65
C MET A 512 17.83 -6.33 -0.82
N ILE A 513 18.22 -6.49 0.43
CA ILE A 513 18.64 -5.37 1.25
C ILE A 513 20.10 -5.55 1.57
N LEU A 514 20.89 -4.57 1.17
CA LEU A 514 22.28 -4.49 1.55
C LEU A 514 22.29 -3.67 2.83
N GLU A 515 22.67 -4.30 3.93
CA GLU A 515 22.79 -3.59 5.21
C GLU A 515 24.24 -3.17 5.32
N TYR A 516 24.50 -1.91 5.00
CA TYR A 516 25.84 -1.34 5.07
C TYR A 516 26.17 -0.89 6.49
N THR A 517 27.43 -1.09 6.88
CA THR A 517 27.99 -0.45 8.07
C THR A 517 29.18 0.38 7.66
N PHE A 518 29.16 1.67 8.02
CA PHE A 518 30.25 2.58 7.68
C PHE A 518 31.07 2.87 8.91
N ALA A 519 32.34 3.20 8.67
CA ALA A 519 33.27 3.48 9.76
C ALA A 519 32.73 4.53 10.70
N ASN A 520 31.96 5.47 10.18
CA ASN A 520 31.43 6.59 10.93
C ASN A 520 30.05 6.92 10.39
N SER A 521 29.27 7.65 11.20
CA SER A 521 27.96 8.09 10.76
C SER A 521 28.09 8.90 9.47
N LEU A 522 27.18 8.64 8.54
CA LEU A 522 27.23 9.33 7.26
C LEU A 522 26.75 10.76 7.40
N THR A 523 27.38 11.66 6.67
CA THR A 523 26.95 13.05 6.64
C THR A 523 26.01 13.21 5.46
N ILE A 524 24.73 13.43 5.74
CA ILE A 524 23.74 13.60 4.69
C ILE A 524 23.42 15.07 4.49
N ASP A 525 24.35 15.80 3.89
CA ASP A 525 24.24 17.25 3.73
C ASP A 525 23.83 17.67 2.33
N GLU A 526 23.37 16.75 1.50
CA GLU A 526 22.75 17.11 0.25
C GLU A 526 21.28 16.75 0.31
N THR A 527 20.50 17.36 -0.57
CA THR A 527 19.05 17.20 -0.49
C THR A 527 18.47 17.06 -1.89
N SER A 528 17.64 16.06 -2.07
CA SER A 528 16.79 15.96 -3.24
C SER A 528 15.36 16.14 -2.74
N THR A 529 14.77 17.25 -3.09
CA THR A 529 13.41 17.58 -2.69
C THR A 529 12.50 17.26 -3.87
N GLU A 530 11.64 16.29 -3.68
CA GLU A 530 10.71 15.88 -4.70
C GLU A 530 9.38 16.59 -4.49
N GLU A 531 8.90 17.22 -5.55
CA GLU A 531 7.59 17.84 -5.58
C GLU A 531 6.86 17.31 -6.80
N LYS A 532 5.56 17.17 -6.67
CA LYS A 532 4.75 16.54 -7.69
C LYS A 532 3.73 17.54 -8.18
N TYR A 533 3.59 17.62 -9.50
CA TYR A 533 2.74 18.60 -10.12
C TYR A 533 1.80 17.91 -11.07
N TYR A 534 0.56 18.39 -11.11
CA TYR A 534 -0.53 17.69 -11.75
C TYR A 534 -1.03 18.51 -12.93
N ALA A 535 -1.25 17.86 -14.06
CA ALA A 535 -1.72 18.58 -15.22
C ALA A 535 -3.08 19.20 -14.94
N ASP A 536 -3.49 20.12 -15.79
CA ASP A 536 -4.74 20.79 -15.61
C ASP A 536 -5.87 19.95 -16.13
N SER A 537 -5.52 18.80 -16.67
CA SER A 537 -6.50 17.91 -17.21
C SER A 537 -6.09 16.48 -16.99
N TYR A 538 -7.05 15.58 -16.98
CA TYR A 538 -6.79 14.18 -16.74
C TYR A 538 -7.72 13.40 -17.61
N LEU A 539 -7.62 12.08 -17.59
CA LEU A 539 -8.51 11.21 -18.33
C LEU A 539 -8.79 11.73 -19.71
N GLN A 540 -7.77 11.71 -20.53
CA GLN A 540 -7.93 12.29 -21.86
C GLN A 540 -8.03 11.18 -22.89
N PRO A 541 -9.14 11.08 -23.62
CA PRO A 541 -9.23 10.06 -24.66
C PRO A 541 -8.09 10.21 -25.66
N ILE A 542 -7.57 9.08 -26.12
CA ILE A 542 -6.48 9.07 -27.06
C ILE A 542 -7.06 8.92 -28.46
N VAL A 543 -6.77 9.88 -29.31
CA VAL A 543 -7.17 9.83 -30.71
C VAL A 543 -5.91 9.77 -31.55
N ALA A 544 -5.88 8.83 -32.50
CA ALA A 544 -4.72 8.61 -33.34
C ALA A 544 -4.27 9.91 -33.98
N SER A 545 -2.97 10.18 -33.88
CA SER A 545 -2.28 11.30 -34.51
C SER A 545 -2.81 12.64 -34.03
N GLN A 546 -3.60 12.65 -32.96
CA GLN A 546 -4.10 13.89 -32.38
C GLN A 546 -3.38 14.13 -31.06
N PRO A 547 -2.49 15.11 -30.98
CA PRO A 547 -1.78 15.36 -29.72
C PRO A 547 -2.73 15.77 -28.62
N ILE A 548 -2.53 15.17 -27.45
CA ILE A 548 -3.21 15.56 -26.23
C ILE A 548 -2.29 16.53 -25.51
N LEU A 549 -2.79 17.74 -25.27
CA LEU A 549 -2.00 18.82 -24.71
C LEU A 549 -2.36 18.99 -23.25
N PHE A 550 -1.35 18.99 -22.40
CA PHE A 550 -1.50 19.13 -20.97
C PHE A 550 -0.72 20.34 -20.49
N ALA A 551 -1.32 21.14 -19.62
CA ALA A 551 -0.57 22.15 -18.88
C ALA A 551 -0.17 21.54 -17.55
N VAL A 552 1.12 21.55 -17.24
CA VAL A 552 1.59 21.25 -15.90
C VAL A 552 2.24 22.53 -15.41
N ASN A 553 1.56 23.23 -14.51
CA ASN A 553 1.84 24.63 -14.22
C ASN A 553 2.48 24.79 -12.85
N ASN A 554 3.06 25.97 -12.63
CA ASN A 554 3.54 26.40 -11.33
C ASN A 554 4.54 25.40 -10.77
N VAL A 555 5.35 24.83 -11.66
CA VAL A 555 6.39 23.91 -11.27
C VAL A 555 7.51 24.74 -10.66
N VAL A 556 7.71 24.60 -9.35
CA VAL A 556 8.78 25.30 -8.66
C VAL A 556 10.08 24.57 -8.95
N LYS A 557 10.98 25.22 -9.69
CA LYS A 557 12.35 24.71 -9.83
C LYS A 557 13.18 25.41 -8.78
N SER A 558 13.12 24.86 -7.57
CA SER A 558 13.66 25.46 -6.36
C SER A 558 15.17 25.30 -6.22
N ALA A 559 15.82 24.66 -7.18
CA ALA A 559 17.26 24.43 -7.13
C ALA A 559 17.86 24.80 -8.48
N THR A 560 19.17 24.67 -8.58
CA THR A 560 19.81 24.88 -9.87
C THR A 560 19.92 23.56 -10.65
N TYR A 561 20.12 22.45 -9.93
CA TYR A 561 20.17 21.13 -10.54
C TYR A 561 18.98 20.30 -10.09
N GLY A 562 18.63 19.33 -10.92
CA GLY A 562 17.51 18.46 -10.62
C GLY A 562 17.20 17.57 -11.80
N GLU A 563 16.04 16.93 -11.71
CA GLU A 563 15.52 16.10 -12.79
C GLU A 563 14.04 15.94 -12.53
N ALA A 564 13.33 15.56 -13.57
CA ALA A 564 11.89 15.42 -13.49
C ALA A 564 11.49 14.10 -14.13
N VAL A 565 10.39 13.57 -13.64
CA VAL A 565 9.78 12.41 -14.25
C VAL A 565 8.38 12.81 -14.66
N LEU A 566 8.14 12.79 -15.97
CA LEU A 566 6.80 12.89 -16.51
C LEU A 566 6.11 11.55 -16.34
N ARG A 567 5.03 11.54 -15.58
CA ARG A 567 4.28 10.33 -15.29
C ARG A 567 3.00 10.37 -16.11
N LEU A 568 2.99 9.60 -17.19
CA LEU A 568 1.82 9.43 -18.04
C LEU A 568 1.08 8.20 -17.57
N GLY A 569 -0.07 8.41 -16.95
CA GLY A 569 -0.99 7.31 -16.72
C GLY A 569 -1.63 6.96 -18.04
N LEU A 570 -1.40 5.73 -18.51
CA LEU A 570 -1.98 5.26 -19.77
C LEU A 570 -2.93 4.12 -19.45
N GLY A 571 -4.19 4.26 -19.88
CA GLY A 571 -5.13 3.17 -19.82
C GLY A 571 -5.53 2.79 -21.23
N ARG A 572 -4.98 1.72 -21.76
CA ARG A 572 -5.27 1.31 -23.13
C ARG A 572 -5.45 -0.19 -23.22
N ASP A 573 -6.31 -0.60 -24.15
CA ASP A 573 -6.41 -2.00 -24.52
C ASP A 573 -5.04 -2.51 -24.90
N HIS A 574 -4.83 -3.80 -24.67
CA HIS A 574 -3.64 -4.45 -25.20
C HIS A 574 -3.65 -4.36 -26.72
N GLY A 575 -2.45 -4.25 -27.30
CA GLY A 575 -2.34 -4.02 -28.71
C GLY A 575 -2.29 -2.57 -29.10
N LYS A 576 -2.69 -1.67 -28.20
CA LYS A 576 -2.58 -0.25 -28.49
C LYS A 576 -1.23 0.25 -27.99
N SER A 577 -0.68 1.20 -28.74
CA SER A 577 0.66 1.68 -28.46
C SER A 577 0.75 2.28 -27.08
N LEU A 578 1.82 1.93 -26.36
CA LEU A 578 2.16 2.61 -25.13
C LEU A 578 3.43 3.42 -25.30
N LYS A 579 3.79 3.76 -26.53
CA LYS A 579 4.94 4.60 -26.80
C LYS A 579 4.45 5.82 -27.58
N PRO A 580 3.77 6.73 -26.92
CA PRO A 580 3.36 7.96 -27.61
C PRO A 580 4.59 8.81 -27.86
N ILE A 581 4.47 9.66 -28.87
CA ILE A 581 5.38 10.79 -29.01
C ILE A 581 5.03 11.80 -27.93
N VAL A 582 5.99 12.09 -27.07
CA VAL A 582 5.79 13.00 -25.95
C VAL A 582 6.73 14.18 -26.12
N LYS A 583 6.18 15.38 -26.08
CA LYS A 583 6.97 16.60 -26.04
C LYS A 583 6.69 17.31 -24.72
N VAL A 584 7.75 17.80 -24.09
CA VAL A 584 7.64 18.67 -22.93
C VAL A 584 8.13 20.04 -23.36
N ASN A 585 7.26 21.04 -23.27
CA ASN A 585 7.55 22.37 -23.77
C ASN A 585 8.05 22.28 -25.21
N ASN A 586 7.34 21.45 -25.98
CA ASN A 586 7.55 21.22 -27.40
C ASN A 586 8.98 20.77 -27.72
N THR A 587 9.63 20.14 -26.75
CA THR A 587 10.85 19.37 -27.00
C THR A 587 10.52 17.91 -26.81
N GLU A 588 10.84 17.09 -27.82
CA GLU A 588 10.51 15.68 -27.72
C GLU A 588 11.41 15.02 -26.70
N VAL A 589 10.81 14.21 -25.83
CA VAL A 589 11.55 13.50 -24.82
C VAL A 589 11.38 12.01 -25.10
N VAL A 590 12.37 11.24 -24.65
CA VAL A 590 12.41 9.80 -24.92
C VAL A 590 11.43 9.11 -23.99
N VAL A 591 10.48 8.37 -24.56
CA VAL A 591 9.55 7.57 -23.78
C VAL A 591 10.14 6.18 -23.62
N PRO A 592 10.38 5.71 -22.41
CA PRO A 592 10.98 4.38 -22.24
C PRO A 592 10.10 3.30 -22.85
N ASP A 593 10.74 2.35 -23.54
CA ASP A 593 10.06 1.13 -23.90
C ASP A 593 9.88 0.22 -22.69
N ASP A 594 10.67 0.42 -21.66
CA ASP A 594 10.66 -0.45 -20.50
C ASP A 594 10.17 0.37 -19.32
N TRP A 595 8.87 0.32 -19.08
CA TRP A 595 8.29 1.06 -17.98
C TRP A 595 8.43 0.27 -16.68
N ARG A 596 8.04 0.92 -15.58
CA ARG A 596 8.15 0.29 -14.28
C ARG A 596 7.22 -0.92 -14.21
N GLY A 597 7.75 -2.07 -14.01
CA GLY A 597 6.90 -3.20 -13.98
C GLY A 597 6.75 -3.97 -15.23
N TYR A 598 6.03 -5.04 -15.11
CA TYR A 598 5.80 -5.91 -16.21
C TYR A 598 4.92 -5.42 -17.32
N ASP A 599 4.76 -6.23 -18.32
CA ASP A 599 3.98 -5.86 -19.47
C ASP A 599 2.50 -5.72 -19.29
N GLN A 600 1.96 -6.27 -18.21
CA GLN A 600 0.53 -6.24 -17.97
C GLN A 600 -0.26 -7.07 -18.97
N ALA A 601 0.37 -8.01 -19.64
CA ALA A 601 -0.29 -8.76 -20.67
C ALA A 601 -1.53 -9.46 -20.24
N ASP A 602 -1.48 -10.06 -19.07
CA ASP A 602 -2.61 -10.77 -18.57
C ASP A 602 -3.61 -9.87 -17.92
N LYS A 603 -3.33 -8.62 -17.72
CA LYS A 603 -4.34 -7.76 -17.20
C LYS A 603 -5.38 -7.52 -18.26
N GLY A 604 -6.57 -7.14 -17.85
CA GLY A 604 -7.63 -6.86 -18.79
C GLY A 604 -7.16 -5.93 -19.85
N ARG A 605 -6.48 -4.89 -19.45
CA ARG A 605 -5.92 -3.97 -20.37
C ARG A 605 -4.74 -3.36 -19.67
N PHE A 606 -4.02 -2.52 -20.35
CA PHE A 606 -2.92 -1.87 -19.76
C PHE A 606 -3.37 -0.66 -19.04
N PHE A 607 -3.00 -0.60 -17.79
CA PHE A 607 -3.23 0.62 -17.02
C PHE A 607 -1.99 0.78 -16.17
N GLY A 608 -1.21 1.80 -16.47
CA GLY A 608 0.09 1.91 -15.85
C GLY A 608 0.67 3.26 -16.14
N THR A 609 1.55 3.71 -15.26
CA THR A 609 2.21 4.99 -15.43
C THR A 609 3.55 4.78 -16.12
N ILE A 610 3.70 5.38 -17.28
CA ILE A 610 4.99 5.41 -17.95
C ILE A 610 5.78 6.57 -17.36
N GLU A 611 6.94 6.28 -16.81
CA GLU A 611 7.77 7.30 -16.19
C GLU A 611 8.79 7.80 -17.19
N ILE A 612 8.63 9.04 -17.61
CA ILE A 612 9.39 9.57 -18.74
C ILE A 612 10.42 10.54 -18.19
N PRO A 613 11.72 10.23 -18.26
CA PRO A 613 12.75 11.18 -17.84
C PRO A 613 12.58 12.51 -18.56
N VAL A 614 12.49 13.58 -17.78
CA VAL A 614 12.46 14.94 -18.29
C VAL A 614 13.59 15.69 -17.61
N SER A 615 14.45 16.33 -18.39
CA SER A 615 15.57 17.04 -17.81
C SER A 615 15.08 18.31 -17.11
N TYR A 616 15.74 18.63 -16.01
CA TYR A 616 15.41 19.83 -15.24
C TYR A 616 15.41 21.07 -16.12
N ASP A 617 16.34 21.15 -17.07
CA ASP A 617 16.46 22.36 -17.88
C ASP A 617 15.34 22.49 -18.89
N LEU A 618 14.68 21.38 -19.23
CA LEU A 618 13.49 21.44 -20.07
C LEU A 618 12.31 22.01 -19.30
N LEU A 619 12.26 21.74 -18.00
CA LEU A 619 11.20 22.25 -17.14
C LEU A 619 11.22 23.76 -17.07
N THR A 620 10.04 24.36 -17.18
CA THR A 620 9.88 25.73 -16.75
C THR A 620 8.79 25.76 -15.71
N THR A 621 8.26 26.93 -15.40
CA THR A 621 7.22 27.00 -14.39
C THR A 621 5.92 26.41 -14.91
N ASN A 622 5.43 26.95 -16.02
CA ASN A 622 4.22 26.43 -16.66
C ASN A 622 4.65 25.63 -17.87
N ASN A 623 4.38 24.34 -17.83
CA ASN A 623 4.86 23.41 -18.84
C ASN A 623 3.70 22.90 -19.66
N THR A 624 3.95 22.71 -20.95
CA THR A 624 3.02 21.96 -21.78
C THR A 624 3.60 20.58 -22.01
N VAL A 625 2.74 19.58 -21.89
CA VAL A 625 3.05 18.22 -22.23
C VAL A 625 2.17 17.85 -23.41
N SER A 626 2.80 17.42 -24.50
CA SER A 626 2.10 16.97 -25.68
C SER A 626 2.25 15.46 -25.76
N VAL A 627 1.13 14.75 -25.87
CA VAL A 627 1.13 13.29 -25.91
C VAL A 627 0.34 12.86 -27.13
N GLU A 628 1.01 12.23 -28.09
CA GLU A 628 0.38 11.86 -29.36
C GLU A 628 0.66 10.39 -29.65
N PHE A 629 -0.38 9.64 -29.82
CA PHE A 629 -0.30 8.22 -30.10
C PHE A 629 -0.56 7.96 -31.57
N PRO A 630 -0.02 6.86 -32.11
CA PRO A 630 -0.30 6.55 -33.51
C PRO A 630 -1.67 5.92 -33.71
N ASP A 631 -2.37 5.60 -32.63
CA ASP A 631 -3.59 4.81 -32.72
C ASP A 631 -4.59 5.39 -31.75
N SER A 632 -5.86 5.11 -31.98
CA SER A 632 -6.89 5.69 -31.13
C SER A 632 -7.26 4.74 -30.00
N SER A 633 -8.16 5.20 -29.14
CA SER A 633 -8.71 4.41 -28.01
C SER A 633 -7.84 4.51 -26.78
N GLY A 634 -8.46 4.27 -25.66
CA GLY A 634 -7.71 4.40 -24.43
C GLY A 634 -7.62 5.83 -23.99
N HIS A 635 -6.89 6.06 -22.93
CA HIS A 635 -6.83 7.40 -22.35
C HIS A 635 -5.51 7.70 -21.68
N VAL A 636 -5.14 8.98 -21.64
CA VAL A 636 -4.01 9.39 -20.78
C VAL A 636 -4.74 9.71 -19.48
N SER A 637 -4.83 8.72 -18.60
CA SER A 637 -5.57 8.82 -17.32
C SER A 637 -5.03 9.96 -16.45
N SER A 638 -3.72 10.03 -16.32
CA SER A 638 -3.16 11.02 -15.43
C SER A 638 -1.88 11.55 -16.05
N VAL A 639 -1.53 12.77 -15.67
CA VAL A 639 -0.30 13.39 -16.11
C VAL A 639 0.27 14.08 -14.89
N ILE A 640 1.42 13.61 -14.41
CA ILE A 640 2.06 14.15 -13.23
C ILE A 640 3.52 14.42 -13.54
N MET A 641 3.97 15.63 -13.23
CA MET A 641 5.38 15.99 -13.35
C MET A 641 5.99 15.84 -11.98
N GLN A 642 6.84 14.84 -11.84
CA GLN A 642 7.51 14.52 -10.59
C GLN A 642 8.86 15.19 -10.66
N VAL A 643 9.05 16.25 -9.89
CA VAL A 643 10.21 17.12 -10.02
C VAL A 643 11.10 16.89 -8.82
N PHE A 644 12.40 16.69 -9.09
CA PHE A 644 13.40 16.50 -8.04
C PHE A 644 14.35 17.67 -8.07
N ASN A 645 14.51 18.32 -6.92
CA ASN A 645 15.27 19.56 -6.82
C ASN A 645 16.48 19.28 -5.95
N PHE A 646 17.65 19.21 -6.60
CA PHE A 646 18.89 18.81 -5.96
C PHE A 646 19.63 20.03 -5.40
N SER A 647 20.12 19.89 -4.18
CA SER A 647 20.97 20.93 -3.61
C SER A 647 22.26 21.10 -4.38
N SER A 648 22.71 20.07 -5.09
CA SER A 648 23.93 20.15 -5.86
C SER A 648 23.83 19.18 -7.03
N ASP A 649 24.80 19.24 -7.94
CA ASP A 649 24.78 18.45 -9.17
C ASP A 649 25.14 17.00 -8.83
N ILE A 650 24.17 16.30 -8.24
CA ILE A 650 24.46 14.97 -7.73
C ILE A 650 24.49 13.92 -8.83
N ARG A 651 23.94 14.22 -10.01
CA ARG A 651 23.90 13.27 -11.10
C ARG A 651 25.21 13.23 -11.89
N THR A 652 26.08 14.22 -11.70
CA THR A 652 27.30 14.34 -12.49
C THR A 652 28.53 14.43 -11.59
#